data_8FJ0
#
_entry.id   8FJ0
#
_cell.length_a   82.446
_cell.length_b   49.636
_cell.length_c   88.319
_cell.angle_alpha   90.000
_cell.angle_beta   112.910
_cell.angle_gamma   90.000
#
_symmetry.space_group_name_H-M   'P 1 21 1'
#
loop_
_entity.id
_entity.type
_entity.pdbx_description
1 polymer 'Evasin P1243'
2 polymer 'C-C motif chemokine 2'
3 water water
#
loop_
_entity_poly.entity_id
_entity_poly.type
_entity_poly.pdbx_seq_one_letter_code
_entity_poly.pdbx_strand_id
1 'polypeptide(L)'
;GSTSARNHTEDNSTEYYDYEEARCACPARHLNNTNGTVLKLLGCHAFCNGTLCTAPDGYPCYNLTAQQVRTLTTYPNTSC
AVGVCMKGTCVKNGTMEQCFKTP
;
A,B,C
2 'polypeptide(L)' QPDAINAAVTCCYNFTNRKISVQRLASYRRITSSKCPKEAVIFKTIVAKEICADPKQKWVQDSMDHLDKQTQTPKT D,F,E
#
# COMPACT_ATOMS: atom_id res chain seq x y z
N TYR A 17 23.36 25.80 17.28
CA TYR A 17 22.78 25.90 15.94
C TYR A 17 21.80 24.77 15.66
N ASP A 18 21.98 23.64 16.35
CA ASP A 18 21.26 22.41 16.03
C ASP A 18 20.09 22.23 17.01
N TYR A 19 19.16 23.16 16.92
CA TYR A 19 17.95 23.14 17.72
C TYR A 19 16.76 22.77 16.84
N GLU A 20 15.67 22.38 17.49
CA GLU A 20 14.47 21.95 16.81
C GLU A 20 13.58 23.12 16.45
N GLU A 21 13.36 23.32 15.15
CA GLU A 21 12.42 24.28 14.58
C GLU A 21 11.28 24.60 15.54
N ALA A 22 10.52 23.57 15.92
CA ALA A 22 9.47 23.72 16.91
C ALA A 22 9.18 22.38 17.55
N ARG A 23 8.68 22.44 18.79
CA ARG A 23 8.31 21.26 19.54
C ARG A 23 7.19 20.49 18.86
N CYS A 24 7.36 19.17 18.79
CA CYS A 24 6.39 18.24 18.22
C CYS A 24 5.77 18.70 16.92
N ALA A 25 6.52 18.61 15.82
CA ALA A 25 5.98 18.93 14.50
C ALA A 25 6.76 18.24 13.39
N CYS A 26 7.33 17.08 13.67
CA CYS A 26 8.04 16.39 12.61
C CYS A 26 7.19 15.26 12.05
N PRO A 27 7.41 14.86 10.79
CA PRO A 27 6.55 13.85 10.18
C PRO A 27 6.74 12.48 10.83
N ALA A 28 5.75 11.62 10.63
CA ALA A 28 5.74 10.30 11.23
C ALA A 28 5.31 9.25 10.22
N ARG A 29 5.92 8.07 10.32
CA ARG A 29 5.60 6.95 9.45
C ARG A 29 4.28 6.33 9.89
N HIS A 30 3.25 6.47 9.06
CA HIS A 30 1.96 5.86 9.32
C HIS A 30 1.98 4.40 8.89
N LEU A 31 0.88 3.70 9.14
CA LEU A 31 0.73 2.32 8.68
C LEU A 31 -0.19 2.30 7.46
N ASN A 32 0.11 1.40 6.52
CA ASN A 32 -0.63 1.31 5.29
C ASN A 32 -1.68 0.19 5.38
N ASN A 33 -2.66 0.23 4.49
CA ASN A 33 -3.75 -0.73 4.50
C ASN A 33 -4.17 -1.07 3.08
N THR A 34 -4.37 -2.36 2.82
CA THR A 34 -4.82 -2.84 1.53
C THR A 34 -6.28 -2.51 1.24
N ASN A 35 -6.96 -1.78 2.12
CA ASN A 35 -8.36 -1.46 1.93
C ASN A 35 -8.58 -0.09 1.28
N GLY A 36 -7.51 0.64 0.99
CA GLY A 36 -7.65 1.90 0.28
C GLY A 36 -8.24 3.01 1.10
N THR A 37 -7.81 3.16 2.34
CA THR A 37 -8.30 4.20 3.25
C THR A 37 -7.14 5.08 3.69
N VAL A 38 -7.48 6.11 4.47
CA VAL A 38 -6.50 7.07 4.98
C VAL A 38 -5.38 6.33 5.73
N LEU A 39 -4.17 6.85 5.64
CA LEU A 39 -3.06 6.27 6.39
C LEU A 39 -3.24 6.56 7.88
N LYS A 40 -3.15 5.52 8.69
CA LYS A 40 -3.39 5.66 10.12
C LYS A 40 -2.09 5.49 10.90
N LEU A 41 -2.01 6.20 12.02
CA LEU A 41 -0.83 6.19 12.88
C LEU A 41 -0.91 5.02 13.86
N LEU A 42 0.16 4.25 13.94
CA LEU A 42 0.23 3.20 14.95
C LEU A 42 0.26 3.86 16.33
N GLY A 43 -0.85 3.79 17.06
CA GLY A 43 -0.98 4.47 18.33
C GLY A 43 -1.21 5.97 18.15
N CYS A 44 -1.27 6.67 19.28
CA CYS A 44 -1.44 8.11 19.28
C CYS A 44 -0.19 8.86 19.72
N HIS A 45 0.94 8.17 19.83
CA HIS A 45 2.19 8.80 20.24
C HIS A 45 3.28 8.45 19.25
N ALA A 46 4.19 9.41 19.07
CA ALA A 46 5.32 9.25 18.16
C ALA A 46 6.55 9.88 18.77
N PHE A 47 7.71 9.29 18.48
CA PHE A 47 8.98 9.84 18.93
C PHE A 47 9.41 10.91 17.93
N CYS A 48 9.17 12.17 18.28
CA CYS A 48 9.53 13.30 17.43
C CYS A 48 10.73 13.97 18.07
N ASN A 49 11.80 14.10 17.30
CA ASN A 49 13.09 14.58 17.81
C ASN A 49 13.44 13.66 18.98
N GLY A 50 13.90 14.20 20.10
CA GLY A 50 14.14 13.36 21.25
C GLY A 50 12.98 13.22 22.21
N THR A 51 11.83 13.82 21.91
CA THR A 51 10.69 13.80 22.82
C THR A 51 9.55 12.92 22.31
N LEU A 52 8.60 12.69 23.19
CA LEU A 52 7.40 11.91 22.92
C LEU A 52 6.25 12.86 22.67
N CYS A 53 5.54 12.67 21.56
CA CYS A 53 4.53 13.62 21.10
C CYS A 53 3.21 12.90 20.92
N THR A 54 2.11 13.58 21.25
CA THR A 54 0.77 13.02 21.15
C THR A 54 0.07 13.58 19.92
N ALA A 55 -0.53 12.69 19.13
CA ALA A 55 -1.32 13.10 17.99
C ALA A 55 -2.51 13.96 18.44
N PRO A 56 -3.06 14.78 17.55
CA PRO A 56 -4.19 15.62 17.93
C PRO A 56 -5.45 14.81 18.17
N ASP A 57 -6.33 15.35 19.00
CA ASP A 57 -7.62 14.73 19.23
C ASP A 57 -8.37 14.57 17.90
N GLY A 58 -8.74 13.34 17.59
CA GLY A 58 -9.42 13.04 16.35
C GLY A 58 -8.56 12.43 15.26
N TYR A 59 -7.28 12.25 15.49
CA TYR A 59 -6.41 11.73 14.43
C TYR A 59 -6.65 10.23 14.27
N PRO A 60 -6.81 9.74 13.04
CA PRO A 60 -7.01 8.29 12.85
C PRO A 60 -5.79 7.51 13.28
N CYS A 61 -6.02 6.35 13.91
CA CYS A 61 -4.93 5.53 14.41
C CYS A 61 -5.31 4.06 14.32
N TYR A 62 -4.30 3.20 14.49
CA TYR A 62 -4.50 1.79 14.74
C TYR A 62 -4.14 1.47 16.18
N ASN A 63 -4.82 0.48 16.75
CA ASN A 63 -4.59 0.07 18.14
C ASN A 63 -4.12 -1.38 18.11
N LEU A 64 -2.81 -1.59 18.24
CA LEU A 64 -2.21 -2.91 18.14
C LEU A 64 -1.51 -3.29 19.43
N THR A 65 -1.31 -4.59 19.60
CA THR A 65 -0.63 -5.19 20.74
C THR A 65 0.74 -5.71 20.33
N ALA A 66 1.57 -6.00 21.33
CA ALA A 66 2.93 -6.50 21.11
C ALA A 66 2.95 -7.71 20.18
N GLN A 67 2.14 -8.74 20.49
CA GLN A 67 2.13 -9.95 19.67
C GLN A 67 1.78 -9.63 18.21
N GLN A 68 0.81 -8.74 17.99
CA GLN A 68 0.48 -8.32 16.63
C GLN A 68 1.66 -7.62 15.97
N VAL A 69 2.20 -6.59 16.63
CA VAL A 69 3.29 -5.79 16.08
C VAL A 69 4.50 -6.65 15.72
N ARG A 70 4.78 -7.69 16.49
CA ARG A 70 5.91 -8.54 16.14
C ARG A 70 5.66 -9.33 14.87
N THR A 71 4.41 -9.69 14.60
CA THR A 71 4.02 -10.42 13.40
C THR A 71 3.67 -9.50 12.23
N LEU A 72 4.18 -8.28 12.21
CA LEU A 72 3.86 -7.33 11.15
C LEU A 72 4.92 -7.35 10.07
N THR A 73 4.49 -7.56 8.83
CA THR A 73 5.37 -7.56 7.66
C THR A 73 4.92 -6.50 6.67
N THR A 74 5.27 -6.70 5.39
CA THR A 74 4.87 -5.79 4.32
C THR A 74 3.65 -6.28 3.57
N TYR A 75 3.03 -7.36 4.03
CA TYR A 75 1.78 -7.86 3.49
C TYR A 75 0.83 -8.14 4.64
N PRO A 76 -0.48 -7.93 4.46
CA PRO A 76 -1.41 -8.06 5.58
C PRO A 76 -1.49 -9.48 6.10
N ASN A 77 -1.45 -9.60 7.42
CA ASN A 77 -1.60 -10.89 8.10
C ASN A 77 -2.49 -10.84 9.32
N THR A 78 -2.56 -9.72 10.03
CA THR A 78 -3.43 -9.54 11.19
C THR A 78 -4.47 -8.48 10.85
N SER A 79 -5.64 -8.60 11.47
CA SER A 79 -6.69 -7.61 11.31
C SER A 79 -6.45 -6.53 12.35
N CYS A 80 -6.20 -5.30 11.89
CA CYS A 80 -5.80 -4.19 12.73
C CYS A 80 -7.03 -3.37 13.11
N ALA A 81 -7.10 -2.99 14.38
CA ALA A 81 -8.27 -2.32 14.94
C ALA A 81 -8.15 -0.82 14.72
N VAL A 82 -9.05 -0.28 13.89
CA VAL A 82 -9.06 1.15 13.66
C VAL A 82 -9.57 1.88 14.89
N GLY A 83 -9.12 3.12 15.07
CA GLY A 83 -9.55 3.92 16.20
C GLY A 83 -9.24 5.38 15.95
N VAL A 84 -9.62 6.19 16.93
CA VAL A 84 -9.49 7.63 16.88
C VAL A 84 -8.75 8.10 18.12
N CYS A 85 -7.83 9.04 17.97
CA CYS A 85 -7.02 9.53 19.07
C CYS A 85 -7.82 10.49 19.94
N MET A 86 -7.98 10.14 21.22
CA MET A 86 -8.58 11.02 22.22
C MET A 86 -7.71 10.97 23.47
N LYS A 87 -7.18 12.13 23.86
CA LYS A 87 -6.38 12.28 25.08
C LYS A 87 -5.27 11.22 25.16
N GLY A 88 -4.58 11.03 24.04
CA GLY A 88 -3.46 10.12 23.99
C GLY A 88 -3.82 8.65 23.85
N THR A 89 -5.10 8.30 23.82
CA THR A 89 -5.53 6.92 23.67
C THR A 89 -6.19 6.70 22.32
N CYS A 90 -5.85 5.60 21.66
CA CYS A 90 -6.47 5.24 20.39
C CYS A 90 -7.75 4.48 20.69
N VAL A 91 -8.84 5.22 20.89
CA VAL A 91 -10.12 4.60 21.22
C VAL A 91 -10.65 3.88 19.98
N LYS A 92 -10.89 2.58 20.12
CA LYS A 92 -11.40 1.75 19.03
C LYS A 92 -12.79 2.23 18.62
N ASN A 93 -13.18 1.85 17.40
CA ASN A 93 -14.54 2.14 16.93
C ASN A 93 -15.20 0.97 16.23
N GLY A 94 -14.68 -0.25 16.39
CA GLY A 94 -15.29 -1.42 15.78
C GLY A 94 -14.72 -1.82 14.44
N THR A 95 -14.33 -0.84 13.62
CA THR A 95 -13.89 -1.12 12.26
C THR A 95 -12.52 -1.80 12.25
N MET A 96 -12.29 -2.62 11.25
CA MET A 96 -11.03 -3.34 11.12
C MET A 96 -10.48 -3.17 9.71
N GLU A 97 -9.15 -3.22 9.60
CA GLU A 97 -8.49 -3.07 8.31
C GLU A 97 -7.30 -4.02 8.22
N GLN A 98 -7.04 -4.50 7.01
CA GLN A 98 -5.82 -5.27 6.75
C GLN A 98 -4.67 -4.29 6.59
N CYS A 99 -3.78 -4.24 7.58
CA CYS A 99 -2.74 -3.22 7.59
C CYS A 99 -1.36 -3.89 7.63
N PHE A 100 -0.38 -3.19 7.08
CA PHE A 100 0.94 -3.75 6.89
C PHE A 100 2.00 -2.66 7.04
N LYS A 101 3.23 -3.10 7.27
CA LYS A 101 4.36 -2.20 7.42
C LYS A 101 5.21 -2.18 6.15
N TYR B 16 -58.47 -12.76 -6.81
CA TYR B 16 -58.17 -11.35 -6.62
C TYR B 16 -57.44 -11.12 -5.30
N TYR B 17 -56.30 -11.77 -5.13
CA TYR B 17 -55.68 -11.80 -3.80
C TYR B 17 -54.15 -11.79 -3.80
N ASP B 18 -53.53 -12.43 -4.79
CA ASP B 18 -52.09 -12.72 -4.72
C ASP B 18 -51.30 -11.79 -5.63
N TYR B 19 -51.13 -10.54 -5.19
CA TYR B 19 -50.31 -9.57 -5.89
C TYR B 19 -49.07 -9.24 -5.04
N GLU B 20 -48.26 -8.30 -5.52
CA GLU B 20 -47.05 -7.90 -4.81
C GLU B 20 -47.30 -6.80 -3.77
N GLU B 21 -48.38 -6.02 -3.92
CA GLU B 21 -48.79 -4.97 -3.00
C GLU B 21 -47.92 -3.72 -3.16
N ALA B 22 -46.70 -3.92 -3.64
CA ALA B 22 -45.76 -2.84 -3.92
C ALA B 22 -44.75 -3.39 -4.91
N ARG B 23 -44.67 -2.80 -6.09
CA ARG B 23 -43.70 -3.26 -7.07
C ARG B 23 -42.31 -3.08 -6.47
N CYS B 24 -41.47 -4.11 -6.66
CA CYS B 24 -40.08 -4.15 -6.19
C CYS B 24 -39.84 -3.55 -4.81
N ALA B 25 -40.09 -4.31 -3.75
CA ALA B 25 -39.82 -3.80 -2.41
C ALA B 25 -39.57 -4.88 -1.37
N CYS B 26 -39.01 -6.04 -1.77
CA CYS B 26 -38.73 -7.09 -0.78
C CYS B 26 -37.25 -7.11 -0.40
N PRO B 27 -36.93 -7.60 0.80
CA PRO B 27 -35.53 -7.57 1.27
C PRO B 27 -34.63 -8.53 0.50
N ALA B 28 -33.33 -8.30 0.61
CA ALA B 28 -32.33 -9.09 -0.09
C ALA B 28 -31.20 -9.43 0.86
N ARG B 29 -30.63 -10.63 0.68
CA ARG B 29 -29.51 -11.06 1.50
C ARG B 29 -28.25 -10.36 1.00
N HIS B 30 -27.70 -9.47 1.84
CA HIS B 30 -26.48 -8.77 1.50
C HIS B 30 -25.27 -9.66 1.76
N LEU B 31 -24.09 -9.13 1.43
CA LEU B 31 -22.84 -9.80 1.73
C LEU B 31 -22.22 -9.18 2.98
N ASN B 32 -21.57 -10.03 3.77
CA ASN B 32 -21.00 -9.63 5.05
C ASN B 32 -19.51 -9.35 4.89
N ASN B 33 -18.94 -8.64 5.87
CA ASN B 33 -17.55 -8.24 5.82
C ASN B 33 -16.94 -8.33 7.21
N THR B 34 -15.75 -8.92 7.29
CA THR B 34 -15.01 -9.03 8.55
C THR B 34 -14.41 -7.71 9.02
N ASN B 35 -14.66 -6.61 8.33
CA ASN B 35 -14.09 -5.32 8.69
C ASN B 35 -15.03 -4.47 9.54
N GLY B 36 -16.24 -4.95 9.81
CA GLY B 36 -17.14 -4.21 10.68
C GLY B 36 -17.72 -2.98 10.02
N THR B 37 -18.13 -3.09 8.78
CA THR B 37 -18.70 -1.98 8.02
C THR B 37 -20.12 -2.32 7.58
N VAL B 38 -20.77 -1.34 6.94
CA VAL B 38 -22.14 -1.54 6.46
C VAL B 38 -22.21 -2.77 5.56
N LEU B 39 -23.33 -3.48 5.64
CA LEU B 39 -23.57 -4.62 4.76
C LEU B 39 -23.86 -4.14 3.35
N LYS B 40 -23.17 -4.73 2.37
CA LYS B 40 -23.27 -4.31 0.99
C LYS B 40 -24.02 -5.35 0.16
N LEU B 41 -24.72 -4.86 -0.86
CA LEU B 41 -25.48 -5.71 -1.78
C LEU B 41 -24.56 -6.19 -2.88
N LEU B 42 -24.56 -7.50 -3.13
CA LEU B 42 -23.80 -8.05 -4.24
C LEU B 42 -24.41 -7.58 -5.55
N GLY B 43 -23.74 -6.66 -6.22
CA GLY B 43 -24.30 -6.05 -7.40
C GLY B 43 -25.35 -5.01 -7.05
N CYS B 44 -25.97 -4.46 -8.09
CA CYS B 44 -27.03 -3.48 -7.93
C CYS B 44 -28.39 -4.02 -8.34
N HIS B 45 -28.50 -5.34 -8.54
CA HIS B 45 -29.74 -5.96 -8.95
C HIS B 45 -30.07 -7.13 -8.02
N ALA B 46 -31.36 -7.33 -7.81
CA ALA B 46 -31.86 -8.41 -6.97
C ALA B 46 -33.13 -8.98 -7.59
N PHE B 47 -33.33 -10.28 -7.43
CA PHE B 47 -34.55 -10.94 -7.90
C PHE B 47 -35.61 -10.80 -6.82
N CYS B 48 -36.52 -9.84 -6.99
CA CYS B 48 -37.59 -9.62 -6.03
C CYS B 48 -38.93 -10.00 -6.64
N ASN B 49 -39.59 -10.98 -6.03
CA ASN B 49 -40.90 -11.48 -6.48
C ASN B 49 -40.91 -11.83 -7.97
N GLY B 50 -39.90 -12.59 -8.38
CA GLY B 50 -39.79 -13.09 -9.74
C GLY B 50 -39.36 -12.07 -10.77
N THR B 51 -39.17 -10.82 -10.41
CA THR B 51 -38.71 -9.78 -11.32
C THR B 51 -37.31 -9.34 -10.92
N LEU B 52 -36.67 -8.58 -11.81
CA LEU B 52 -35.32 -8.05 -11.57
C LEU B 52 -35.42 -6.59 -11.15
N CYS B 53 -34.72 -6.26 -10.07
CA CYS B 53 -34.81 -4.97 -9.40
C CYS B 53 -33.45 -4.30 -9.35
N THR B 54 -33.45 -2.98 -9.50
CA THR B 54 -32.23 -2.19 -9.37
C THR B 54 -32.27 -1.44 -8.05
N ALA B 55 -31.19 -1.55 -7.28
CA ALA B 55 -31.06 -0.77 -6.06
C ALA B 55 -31.11 0.73 -6.39
N PRO B 56 -31.45 1.57 -5.42
CA PRO B 56 -31.50 3.01 -5.70
C PRO B 56 -30.11 3.56 -5.96
N ASP B 57 -30.06 4.65 -6.72
CA ASP B 57 -28.80 5.34 -6.97
C ASP B 57 -28.18 5.74 -5.64
N GLY B 58 -26.94 5.29 -5.40
CA GLY B 58 -26.23 5.55 -4.17
C GLY B 58 -26.18 4.39 -3.19
N TYR B 59 -26.79 3.26 -3.51
CA TYR B 59 -26.80 2.16 -2.57
C TYR B 59 -25.43 1.47 -2.53
N PRO B 60 -24.89 1.16 -1.35
CA PRO B 60 -23.59 0.48 -1.29
C PRO B 60 -23.67 -0.91 -1.89
N CYS B 61 -22.60 -1.29 -2.61
CA CYS B 61 -22.57 -2.57 -3.27
C CYS B 61 -21.14 -3.12 -3.30
N TYR B 62 -21.04 -4.40 -3.62
CA TYR B 62 -19.78 -5.00 -4.01
C TYR B 62 -19.80 -5.27 -5.50
N ASN B 63 -18.63 -5.17 -6.13
CA ASN B 63 -18.49 -5.40 -7.56
C ASN B 63 -17.56 -6.60 -7.69
N LEU B 64 -18.13 -7.78 -7.89
CA LEU B 64 -17.40 -9.03 -7.92
C LEU B 64 -17.63 -9.73 -9.25
N THR B 65 -16.74 -10.67 -9.56
CA THR B 65 -16.83 -11.46 -10.78
C THR B 65 -17.27 -12.88 -10.42
N ALA B 66 -17.72 -13.61 -11.46
CA ALA B 66 -18.20 -14.98 -11.29
C ALA B 66 -17.20 -15.85 -10.53
N GLN B 67 -15.97 -15.93 -11.03
CA GLN B 67 -14.96 -16.75 -10.36
C GLN B 67 -14.72 -16.29 -8.93
N GLN B 68 -14.68 -14.97 -8.71
CA GLN B 68 -14.48 -14.44 -7.36
C GLN B 68 -15.62 -14.83 -6.43
N VAL B 69 -16.86 -14.51 -6.83
CA VAL B 69 -18.02 -14.83 -5.99
C VAL B 69 -18.09 -16.32 -5.72
N ARG B 70 -17.69 -17.15 -6.69
CA ARG B 70 -17.63 -18.59 -6.48
C ARG B 70 -16.52 -18.97 -5.51
N THR B 71 -15.44 -18.18 -5.47
CA THR B 71 -14.33 -18.44 -4.57
C THR B 71 -14.55 -17.83 -3.19
N LEU B 72 -15.80 -17.61 -2.82
CA LEU B 72 -16.16 -17.05 -1.52
C LEU B 72 -16.56 -18.19 -0.58
N THR B 73 -15.96 -18.23 0.60
CA THR B 73 -16.30 -19.23 1.60
C THR B 73 -16.84 -18.54 2.85
N THR B 74 -16.77 -19.20 4.00
CA THR B 74 -17.23 -18.59 5.24
C THR B 74 -16.11 -17.97 6.05
N TYR B 75 -14.88 -18.36 5.80
CA TYR B 75 -13.74 -17.60 6.29
C TYR B 75 -13.37 -16.54 5.26
N PRO B 76 -13.11 -15.31 5.69
CA PRO B 76 -12.72 -14.27 4.73
C PRO B 76 -11.36 -14.57 4.14
N ASN B 77 -11.26 -14.52 2.81
CA ASN B 77 -9.99 -14.78 2.13
C ASN B 77 -9.71 -13.88 0.94
N THR B 78 -10.71 -13.36 0.24
CA THR B 78 -10.50 -12.54 -0.94
C THR B 78 -10.90 -11.10 -0.68
N SER B 79 -10.23 -10.19 -1.38
CA SER B 79 -10.53 -8.76 -1.29
C SER B 79 -11.63 -8.40 -2.28
N CYS B 80 -12.75 -7.93 -1.76
CA CYS B 80 -13.92 -7.60 -2.55
C CYS B 80 -13.92 -6.10 -2.79
N ALA B 81 -14.26 -5.71 -4.03
CA ALA B 81 -14.18 -4.31 -4.44
C ALA B 81 -15.47 -3.60 -4.07
N VAL B 82 -15.37 -2.64 -3.16
CA VAL B 82 -16.53 -1.86 -2.77
C VAL B 82 -16.89 -0.88 -3.88
N GLY B 83 -18.17 -0.52 -3.95
CA GLY B 83 -18.63 0.43 -4.93
C GLY B 83 -19.99 0.97 -4.52
N VAL B 84 -20.50 1.86 -5.36
CA VAL B 84 -21.77 2.54 -5.12
C VAL B 84 -22.65 2.33 -6.34
N CYS B 85 -23.93 2.08 -6.11
CA CYS B 85 -24.87 1.81 -7.19
C CYS B 85 -25.27 3.12 -7.87
N MET B 86 -24.98 3.23 -9.17
CA MET B 86 -25.42 4.33 -10.00
C MET B 86 -25.98 3.75 -11.29
N LYS B 87 -27.26 4.03 -11.56
CA LYS B 87 -27.94 3.60 -12.78
C LYS B 87 -27.71 2.12 -13.06
N GLY B 88 -27.88 1.31 -12.03
CA GLY B 88 -27.78 -0.13 -12.17
C GLY B 88 -26.38 -0.69 -12.25
N THR B 89 -25.36 0.17 -12.20
CA THR B 89 -23.97 -0.27 -12.24
C THR B 89 -23.32 -0.02 -10.89
N CYS B 90 -22.57 -1.00 -10.40
CA CYS B 90 -21.83 -0.86 -9.15
C CYS B 90 -20.49 -0.20 -9.47
N VAL B 91 -20.50 1.13 -9.49
CA VAL B 91 -19.30 1.89 -9.81
C VAL B 91 -18.31 1.70 -8.67
N LYS B 92 -17.14 1.14 -8.99
CA LYS B 92 -16.14 0.86 -7.97
C LYS B 92 -15.55 2.14 -7.39
N ASN B 93 -14.98 1.99 -6.20
CA ASN B 93 -14.16 3.01 -5.58
C ASN B 93 -12.94 2.34 -4.98
N GLY B 94 -11.90 3.12 -4.75
CA GLY B 94 -10.64 2.65 -4.19
C GLY B 94 -10.71 1.57 -3.13
N THR B 95 -11.75 1.60 -2.30
CA THR B 95 -11.80 0.74 -1.12
C THR B 95 -12.03 -0.72 -1.47
N MET B 96 -11.44 -1.59 -0.64
CA MET B 96 -11.59 -3.04 -0.72
C MET B 96 -11.84 -3.56 0.69
N GLU B 97 -12.55 -4.68 0.79
CA GLU B 97 -12.86 -5.26 2.09
C GLU B 97 -12.77 -6.78 2.03
N GLN B 98 -12.35 -7.39 3.14
CA GLN B 98 -12.40 -8.84 3.25
C GLN B 98 -13.84 -9.25 3.54
N CYS B 99 -14.51 -9.82 2.54
CA CYS B 99 -15.93 -10.08 2.63
C CYS B 99 -16.21 -11.57 2.45
N PHE B 100 -17.31 -12.02 3.05
CA PHE B 100 -17.61 -13.44 3.12
C PHE B 100 -19.12 -13.63 3.07
N LYS B 101 -19.54 -14.85 2.78
CA LYS B 101 -20.94 -15.21 2.69
C LYS B 101 -21.35 -15.97 3.96
N THR B 102 -22.44 -15.54 4.58
CA THR B 102 -22.92 -16.18 5.80
C THR B 102 -24.41 -16.45 5.72
N TYR C 17 37.67 -23.14 -11.28
CA TYR C 17 38.17 -22.93 -9.94
C TYR C 17 37.29 -21.95 -9.17
N ASP C 18 36.68 -21.01 -9.91
CA ASP C 18 35.95 -19.90 -9.33
C ASP C 18 34.44 -20.03 -9.44
N TYR C 19 33.93 -21.19 -9.87
CA TYR C 19 32.49 -21.33 -10.06
C TYR C 19 31.81 -22.26 -9.07
N GLU C 20 31.98 -22.00 -7.78
CA GLU C 20 31.33 -22.79 -6.74
C GLU C 20 29.94 -22.24 -6.44
N GLU C 21 29.26 -22.86 -5.48
CA GLU C 21 27.96 -22.36 -5.04
C GLU C 21 28.02 -21.97 -3.58
N ALA C 22 26.87 -21.80 -2.92
CA ALA C 22 26.85 -21.48 -1.50
C ALA C 22 25.50 -21.81 -0.87
N ARG C 23 25.20 -23.10 -0.70
CA ARG C 23 23.98 -23.55 -0.02
C ARG C 23 22.72 -23.22 -0.81
N CYS C 24 21.80 -24.17 -0.92
CA CYS C 24 20.54 -23.88 -1.60
C CYS C 24 19.85 -22.67 -1.01
N ALA C 25 19.99 -21.51 -1.67
CA ALA C 25 19.36 -20.29 -1.21
C ALA C 25 19.12 -19.29 -2.34
N CYS C 26 18.84 -19.77 -3.56
CA CYS C 26 18.63 -18.75 -4.59
C CYS C 26 17.14 -18.49 -4.79
N PRO C 27 16.78 -17.29 -5.25
CA PRO C 27 15.36 -16.91 -5.34
C PRO C 27 14.60 -17.69 -6.40
N ALA C 28 13.28 -17.64 -6.27
CA ALA C 28 12.36 -18.35 -7.15
C ALA C 28 11.20 -17.43 -7.51
N ARG C 29 10.72 -17.56 -8.74
CA ARG C 29 9.59 -16.76 -9.23
C ARG C 29 8.29 -17.30 -8.66
N HIS C 30 7.65 -16.51 -7.80
CA HIS C 30 6.37 -16.90 -7.23
C HIS C 30 5.22 -16.62 -8.21
N LEU C 31 4.01 -17.00 -7.81
CA LEU C 31 2.81 -16.68 -8.54
C LEU C 31 2.09 -15.53 -7.85
N ASN C 32 1.46 -14.67 -8.66
CA ASN C 32 0.82 -13.46 -8.17
C ASN C 32 -0.67 -13.64 -7.98
N ASN C 33 -1.27 -12.69 -7.25
CA ASN C 33 -2.69 -12.70 -6.92
C ASN C 33 -3.22 -11.28 -7.00
N THR C 34 -4.34 -11.11 -7.70
CA THR C 34 -4.96 -9.78 -7.82
C THR C 34 -5.72 -9.34 -6.57
N ASN C 35 -5.77 -10.13 -5.50
CA ASN C 35 -6.50 -9.73 -4.30
C ASN C 35 -5.63 -9.13 -3.21
N GLY C 36 -4.33 -8.98 -3.47
CA GLY C 36 -3.45 -8.34 -2.50
C GLY C 36 -3.02 -9.18 -1.32
N THR C 37 -2.59 -10.41 -1.59
CA THR C 37 -2.11 -11.32 -0.56
C THR C 37 -0.65 -11.67 -0.85
N VAL C 38 -0.04 -12.40 0.08
CA VAL C 38 1.36 -12.80 -0.08
C VAL C 38 1.56 -13.55 -1.40
N LEU C 39 2.71 -13.35 -2.02
CA LEU C 39 3.05 -14.10 -3.22
C LEU C 39 3.35 -15.54 -2.85
N LYS C 40 2.74 -16.48 -3.56
CA LYS C 40 2.84 -17.89 -3.22
C LYS C 40 3.71 -18.62 -4.25
N LEU C 41 4.39 -19.65 -3.76
CA LEU C 41 5.29 -20.46 -4.57
C LEU C 41 4.50 -21.57 -5.26
N LEU C 42 4.68 -21.69 -6.57
CA LEU C 42 4.08 -22.81 -7.31
C LEU C 42 4.72 -24.10 -6.84
N GLY C 43 4.01 -24.89 -6.05
CA GLY C 43 4.57 -26.07 -5.44
C GLY C 43 5.46 -25.71 -4.27
N CYS C 44 6.09 -26.74 -3.70
CA CYS C 44 7.02 -26.56 -2.58
C CYS C 44 8.46 -26.87 -2.98
N HIS C 45 8.75 -27.01 -4.26
CA HIS C 45 10.08 -27.33 -4.72
C HIS C 45 10.51 -26.37 -5.81
N ALA C 46 11.81 -26.08 -5.84
CA ALA C 46 12.39 -25.16 -6.81
C ALA C 46 13.74 -25.68 -7.27
N PHE C 47 14.05 -25.41 -8.55
CA PHE C 47 15.35 -25.74 -9.12
C PHE C 47 16.30 -24.59 -8.82
N CYS C 48 17.12 -24.77 -7.78
CA CYS C 48 18.08 -23.74 -7.36
C CYS C 48 19.51 -24.20 -7.65
N ASN C 49 20.21 -23.42 -8.48
CA ASN C 49 21.60 -23.70 -8.84
C ASN C 49 21.78 -25.15 -9.33
N GLY C 50 20.78 -25.66 -10.04
CA GLY C 50 20.85 -26.98 -10.62
C GLY C 50 20.43 -28.11 -9.70
N THR C 51 20.03 -27.80 -8.47
CA THR C 51 19.58 -28.82 -7.52
C THR C 51 18.09 -28.63 -7.26
N LEU C 52 17.49 -29.64 -6.63
CA LEU C 52 16.08 -29.61 -6.28
C LEU C 52 15.96 -29.30 -4.80
N CYS C 53 15.18 -28.26 -4.47
CA CYS C 53 15.13 -27.75 -3.11
C CYS C 53 13.69 -27.67 -2.63
N THR C 54 13.51 -27.92 -1.33
CA THR C 54 12.19 -27.88 -0.70
C THR C 54 12.04 -26.59 0.09
N ALA C 55 10.90 -25.91 -0.12
CA ALA C 55 10.57 -24.70 0.63
C ALA C 55 10.46 -25.02 2.13
N PRO C 56 10.60 -24.00 2.99
CA PRO C 56 10.50 -24.25 4.42
C PRO C 56 9.09 -24.61 4.86
N ASP C 57 9.00 -25.34 5.97
CA ASP C 57 7.73 -25.68 6.58
C ASP C 57 6.94 -24.42 6.92
N GLY C 58 5.72 -24.33 6.38
CA GLY C 58 4.88 -23.16 6.60
C GLY C 58 4.84 -22.18 5.46
N TYR C 59 5.59 -22.43 4.39
CA TYR C 59 5.67 -21.47 3.30
C TYR C 59 4.39 -21.50 2.47
N PRO C 60 3.84 -20.33 2.14
CA PRO C 60 2.63 -20.31 1.30
C PRO C 60 2.92 -20.84 -0.09
N CYS C 61 1.99 -21.62 -0.64
CA CYS C 61 2.17 -22.24 -1.94
C CYS C 61 0.82 -22.34 -2.64
N TYR C 62 0.88 -22.64 -3.94
CA TYR C 62 -0.28 -23.08 -4.69
C TYR C 62 -0.15 -24.56 -5.00
N ASN C 63 -1.28 -25.26 -5.07
CA ASN C 63 -1.30 -26.69 -5.34
C ASN C 63 -2.03 -26.89 -6.66
N LEU C 64 -1.27 -27.08 -7.73
CA LEU C 64 -1.81 -27.20 -9.08
C LEU C 64 -1.40 -28.52 -9.70
N THR C 65 -2.15 -28.92 -10.73
CA THR C 65 -1.90 -30.13 -11.49
C THR C 65 -1.30 -29.77 -12.84
N ALA C 66 -0.79 -30.80 -13.53
CA ALA C 66 -0.19 -30.59 -14.85
C ALA C 66 -1.12 -29.80 -15.75
N GLN C 67 -2.35 -30.28 -15.94
CA GLN C 67 -3.31 -29.55 -16.76
C GLN C 67 -3.57 -28.16 -16.21
N GLN C 68 -3.66 -28.04 -14.88
CA GLN C 68 -3.85 -26.74 -14.25
C GLN C 68 -2.66 -25.82 -14.53
N VAL C 69 -1.44 -26.31 -14.26
CA VAL C 69 -0.24 -25.50 -14.49
C VAL C 69 -0.17 -25.05 -15.94
N ARG C 70 -0.61 -25.91 -16.87
CA ARG C 70 -0.67 -25.51 -18.27
C ARG C 70 -1.76 -24.47 -18.51
N THR C 71 -2.83 -24.51 -17.72
CA THR C 71 -3.94 -23.57 -17.85
C THR C 71 -3.72 -22.27 -17.07
N LEU C 72 -2.46 -21.91 -16.80
CA LEU C 72 -2.14 -20.70 -16.08
C LEU C 72 -1.77 -19.60 -17.06
N THR C 73 -2.41 -18.44 -16.92
CA THR C 73 -2.11 -17.30 -17.78
C THR C 73 -1.61 -16.12 -16.96
N THR C 74 -1.71 -14.92 -17.53
CA THR C 74 -1.28 -13.71 -16.83
C THR C 74 -2.48 -12.96 -16.25
N PRO C 76 -5.34 -12.78 -14.25
CA PRO C 76 -5.86 -13.96 -13.56
C PRO C 76 -7.16 -14.47 -14.16
N ASN C 77 -7.26 -15.78 -14.38
CA ASN C 77 -8.45 -16.39 -14.95
C ASN C 77 -8.86 -17.70 -14.29
N THR C 78 -7.95 -18.47 -13.71
CA THR C 78 -8.26 -19.74 -13.09
C THR C 78 -8.12 -19.63 -11.57
N SER C 79 -8.89 -20.45 -10.87
CA SER C 79 -8.85 -20.48 -9.41
C SER C 79 -7.79 -21.47 -8.94
N CYS C 80 -6.76 -20.95 -8.28
CA CYS C 80 -5.63 -21.73 -7.81
C CYS C 80 -5.83 -22.05 -6.33
N ALA C 81 -5.53 -23.28 -5.94
CA ALA C 81 -5.78 -23.75 -4.59
C ALA C 81 -4.62 -23.32 -3.70
N VAL C 82 -4.89 -22.43 -2.74
CA VAL C 82 -3.85 -22.00 -1.81
C VAL C 82 -3.56 -23.12 -0.82
N GLY C 83 -2.33 -23.14 -0.33
CA GLY C 83 -1.93 -24.15 0.64
C GLY C 83 -0.66 -23.77 1.36
N VAL C 84 -0.24 -24.66 2.25
CA VAL C 84 0.93 -24.45 3.09
C VAL C 84 1.88 -25.62 2.91
N CYS C 85 3.17 -25.32 2.82
CA CYS C 85 4.18 -26.35 2.64
C CYS C 85 4.46 -27.04 3.97
N MET C 86 4.25 -28.35 4.02
CA MET C 86 4.60 -29.17 5.17
C MET C 86 5.36 -30.39 4.67
N LYS C 87 6.59 -30.55 5.15
CA LYS C 87 7.45 -31.69 4.80
C LYS C 87 7.49 -31.90 3.28
N GLY C 88 7.66 -30.79 2.56
CA GLY C 88 7.80 -30.83 1.12
C GLY C 88 6.51 -30.97 0.33
N THR C 89 5.36 -31.08 0.98
CA THR C 89 4.07 -31.21 0.30
C THR C 89 3.23 -29.95 0.50
N CYS C 90 2.61 -29.47 -0.57
CA CYS C 90 1.74 -28.29 -0.51
C CYS C 90 0.34 -28.74 -0.08
N VAL C 91 0.13 -28.81 1.24
CA VAL C 91 -1.16 -29.22 1.78
C VAL C 91 -2.17 -28.10 1.58
N LYS C 92 -3.25 -28.39 0.85
CA LYS C 92 -4.27 -27.37 0.61
C LYS C 92 -4.98 -27.02 1.91
N ASN C 93 -5.57 -25.81 1.94
CA ASN C 93 -6.43 -25.38 3.05
C ASN C 93 -7.65 -24.64 2.51
N GLY C 94 -8.65 -25.39 2.04
CA GLY C 94 -9.90 -24.87 1.53
C GLY C 94 -9.89 -23.60 0.67
N THR C 95 -9.01 -22.66 1.01
CA THR C 95 -9.03 -21.35 0.36
C THR C 95 -8.49 -21.44 -1.07
N MET C 96 -9.04 -20.59 -1.94
CA MET C 96 -8.61 -20.49 -3.32
C MET C 96 -8.47 -19.03 -3.69
N GLU C 97 -7.58 -18.75 -4.63
CA GLU C 97 -7.32 -17.38 -5.08
C GLU C 97 -7.12 -17.37 -6.59
N GLN C 98 -7.50 -16.27 -7.22
CA GLN C 98 -7.24 -16.07 -8.64
C GLN C 98 -5.77 -15.68 -8.82
N CYS C 99 -4.97 -16.58 -9.40
CA CYS C 99 -3.53 -16.42 -9.48
C CYS C 99 -3.10 -16.40 -10.93
N PHE C 100 -1.97 -15.74 -11.19
CA PHE C 100 -1.54 -15.46 -12.55
C PHE C 100 -0.02 -15.52 -12.64
N LYS C 101 0.47 -15.62 -13.88
CA LYS C 101 1.91 -15.68 -14.13
C LYS C 101 2.43 -14.34 -14.62
N ALA D 7 8.87 6.31 2.71
CA ALA D 7 8.64 7.70 2.32
C ALA D 7 7.19 7.93 1.92
N ALA D 8 6.63 6.98 1.19
CA ALA D 8 5.24 7.07 0.76
C ALA D 8 4.24 6.97 1.90
N VAL D 9 4.68 6.58 3.10
CA VAL D 9 3.78 6.45 4.24
C VAL D 9 4.14 7.47 5.31
N THR D 10 4.68 8.60 4.90
CA THR D 10 5.15 9.62 5.83
C THR D 10 4.19 10.81 5.72
N CYS D 11 3.43 11.05 6.78
CA CYS D 11 2.49 12.16 6.84
C CYS D 11 2.78 13.00 8.08
N CYS D 12 2.16 14.17 8.12
CA CYS D 12 2.33 15.13 9.22
C CYS D 12 1.01 15.26 9.98
N TYR D 13 1.01 14.85 11.24
CA TYR D 13 -0.15 15.05 12.10
C TYR D 13 -0.13 16.39 12.82
N ASN D 14 0.99 17.10 12.81
CA ASN D 14 1.11 18.32 13.59
C ASN D 14 1.95 19.32 12.80
N PHE D 15 1.53 20.59 12.83
CA PHE D 15 2.19 21.67 12.11
C PHE D 15 3.13 22.46 13.00
N THR D 16 4.05 23.20 12.36
CA THR D 16 5.01 24.04 13.07
C THR D 16 4.33 25.25 13.71
N ASN D 17 3.46 25.92 12.95
CA ASN D 17 2.69 27.08 13.42
C ASN D 17 3.57 28.30 13.65
N ARG D 18 4.58 28.18 14.50
CA ARG D 18 5.44 29.32 14.83
C ARG D 18 6.47 29.61 13.75
N ILE D 20 11.04 28.36 10.51
CA ILE D 20 10.21 29.34 9.82
C ILE D 20 11.09 30.32 9.05
N SER D 21 12.27 30.61 9.58
CA SER D 21 13.16 31.58 8.94
C SER D 21 13.78 30.97 7.69
N VAL D 22 13.67 31.70 6.57
CA VAL D 22 14.21 31.24 5.29
C VAL D 22 15.67 30.81 5.39
N GLN D 23 16.45 31.44 6.26
CA GLN D 23 17.87 31.13 6.37
C GLN D 23 18.13 29.78 7.02
N ARG D 24 17.11 29.11 7.54
CA ARG D 24 17.27 27.87 8.26
C ARG D 24 16.79 26.65 7.47
N LEU D 25 16.30 26.85 6.25
CA LEU D 25 15.75 25.75 5.46
C LEU D 25 16.72 25.33 4.36
N ALA D 26 16.89 24.02 4.19
CA ALA D 26 17.74 23.46 3.16
C ALA D 26 16.96 22.94 1.96
N SER D 27 15.74 22.47 2.18
CA SER D 27 14.93 21.96 1.07
C SER D 27 13.51 21.75 1.57
N TYR D 28 12.62 21.40 0.66
CA TYR D 28 11.24 21.07 1.01
C TYR D 28 10.73 19.94 0.12
N ARG D 29 9.61 19.37 0.53
CA ARG D 29 8.92 18.34 -0.22
C ARG D 29 7.48 18.81 -0.39
N ARG D 30 7.07 19.00 -1.64
CA ARG D 30 5.89 19.80 -1.94
C ARG D 30 4.65 19.29 -1.22
N ILE D 31 4.42 17.97 -1.26
CA ILE D 31 3.19 17.38 -0.75
C ILE D 31 3.50 15.97 -0.29
N THR D 32 2.74 15.50 0.71
CA THR D 32 2.87 14.15 1.21
C THR D 32 1.87 13.27 0.45
N SER D 33 1.50 12.13 1.01
CA SER D 33 0.71 11.17 0.26
C SER D 33 -0.74 11.62 0.14
N SER D 34 -1.37 11.23 -0.97
CA SER D 34 -2.79 11.54 -1.17
C SER D 34 -3.64 11.01 -0.03
N LYS D 35 -3.38 9.78 0.39
CA LYS D 35 -4.14 9.11 1.46
C LYS D 35 -3.62 9.46 2.85
N CYS D 36 -3.14 10.68 3.05
CA CYS D 36 -2.73 11.15 4.37
C CYS D 36 -3.88 11.90 5.03
N PRO D 37 -4.06 11.71 6.34
CA PRO D 37 -5.16 12.41 7.02
C PRO D 37 -5.04 13.92 6.93
N LYS D 38 -3.82 14.45 7.03
CA LYS D 38 -3.56 15.87 6.92
C LYS D 38 -2.53 16.11 5.83
N GLU D 39 -2.81 17.07 4.96
CA GLU D 39 -1.92 17.41 3.85
C GLU D 39 -1.02 18.55 4.27
N ALA D 40 0.26 18.47 3.88
CA ALA D 40 1.26 19.39 4.38
C ALA D 40 2.49 19.34 3.49
N VAL D 41 3.43 20.24 3.78
CA VAL D 41 4.75 20.22 3.17
C VAL D 41 5.76 19.92 4.26
N ILE D 42 6.86 19.27 3.88
CA ILE D 42 7.87 18.83 4.83
C ILE D 42 9.18 19.52 4.47
N PHE D 43 9.64 20.41 5.35
CA PHE D 43 10.90 21.11 5.15
C PHE D 43 12.04 20.35 5.80
N LYS D 44 13.16 20.26 5.10
CA LYS D 44 14.42 19.78 5.66
C LYS D 44 15.28 21.00 5.98
N THR D 45 15.67 21.11 7.25
CA THR D 45 16.45 22.24 7.76
C THR D 45 17.95 21.96 7.68
N ILE D 46 18.73 23.04 7.82
CA ILE D 46 20.19 22.93 7.76
C ILE D 46 20.72 21.95 8.79
N VAL D 47 19.99 21.74 9.89
CA VAL D 47 20.44 20.88 10.98
C VAL D 47 19.95 19.45 10.75
N ALA D 48 19.40 19.20 9.57
CA ALA D 48 18.96 17.88 9.11
C ALA D 48 17.69 17.41 9.81
N LYS D 49 16.88 18.33 10.31
CA LYS D 49 15.60 17.99 10.92
C LYS D 49 14.47 18.30 9.95
N GLU D 50 13.38 17.55 10.10
CA GLU D 50 12.21 17.70 9.24
C GLU D 50 11.09 18.37 10.01
N ILE D 51 10.56 19.46 9.46
CA ILE D 51 9.45 20.20 10.07
C ILE D 51 8.25 20.14 9.15
N CYS D 52 7.07 20.13 9.75
CA CYS D 52 5.81 20.12 9.02
C CYS D 52 5.17 21.50 9.03
N ALA D 53 4.62 21.90 7.87
CA ALA D 53 4.00 23.20 7.71
C ALA D 53 2.73 23.08 6.88
N ASP D 54 1.77 23.96 7.17
CA ASP D 54 0.49 23.95 6.46
C ASP D 54 0.63 24.71 5.15
N PRO D 55 0.34 24.09 3.99
CA PRO D 55 0.52 24.79 2.72
C PRO D 55 -0.40 25.99 2.52
N LYS D 56 -1.43 26.14 3.35
CA LYS D 56 -2.31 27.30 3.21
C LYS D 56 -1.62 28.58 3.63
N GLN D 57 -0.80 28.52 4.68
CA GLN D 57 -0.10 29.69 5.18
C GLN D 57 0.81 30.28 4.10
N LYS D 58 0.83 31.62 4.04
CA LYS D 58 1.55 32.30 2.96
C LYS D 58 3.06 32.15 3.11
N TRP D 59 3.57 32.23 4.34
CA TRP D 59 5.01 32.13 4.55
C TRP D 59 5.56 30.80 4.05
N VAL D 60 4.74 29.75 4.05
CA VAL D 60 5.21 28.46 3.56
C VAL D 60 5.43 28.51 2.06
N GLN D 61 4.47 29.08 1.32
CA GLN D 61 4.63 29.23 -0.12
C GLN D 61 5.81 30.14 -0.45
N ASP D 62 5.98 31.22 0.33
CA ASP D 62 7.11 32.11 0.07
C ASP D 62 8.44 31.40 0.34
N SER D 63 8.48 30.56 1.38
CA SER D 63 9.69 29.80 1.66
C SER D 63 9.98 28.81 0.54
N MET D 64 8.95 28.14 0.03
CA MET D 64 9.16 27.22 -1.09
C MET D 64 9.63 27.96 -2.34
N ASP D 65 9.11 29.16 -2.58
CA ASP D 65 9.55 29.93 -3.74
C ASP D 65 11.02 30.36 -3.60
N HIS D 66 11.37 30.94 -2.45
CA HIS D 66 12.74 31.40 -2.24
C HIS D 66 13.71 30.24 -2.15
N LEU D 67 13.23 29.05 -1.83
CA LEU D 67 14.08 27.87 -1.80
C LEU D 67 14.20 27.22 -3.17
N ASP D 68 13.19 27.39 -4.02
CA ASP D 68 13.30 26.95 -5.40
C ASP D 68 14.29 27.82 -6.16
N LYS D 69 14.16 29.14 -6.03
CA LYS D 69 15.12 30.03 -6.68
C LYS D 69 16.46 29.96 -5.96
N GLN D 70 17.07 28.78 -5.95
CA GLN D 70 18.35 28.56 -5.31
C GLN D 70 19.01 27.30 -5.88
N THR D 71 18.29 26.59 -6.75
CA THR D 71 18.82 25.44 -7.46
C THR D 71 19.32 25.91 -8.81
N GLN D 72 20.60 25.69 -9.08
CA GLN D 72 21.27 26.25 -10.25
C GLN D 72 20.69 25.65 -11.53
N THR D 73 19.99 26.49 -12.30
CA THR D 73 19.55 26.13 -13.63
C THR D 73 20.70 26.31 -14.63
N PRO D 74 20.59 25.72 -15.83
CA PRO D 74 21.64 25.94 -16.84
C PRO D 74 21.69 27.36 -17.38
N LYS D 75 22.09 27.51 -18.64
CA LYS D 75 22.27 28.83 -19.24
C LYS D 75 20.99 29.66 -19.23
N VAL E 9 8.17 -10.42 -9.20
CA VAL E 9 7.49 -11.55 -8.59
C VAL E 9 8.51 -12.56 -8.08
N THR E 10 9.68 -12.07 -7.70
CA THR E 10 10.81 -12.90 -7.28
C THR E 10 11.01 -12.72 -5.79
N CYS E 11 10.79 -13.79 -5.03
CA CYS E 11 10.99 -13.77 -3.58
C CYS E 11 11.94 -14.89 -3.17
N CYS E 12 12.39 -14.83 -1.92
CA CYS E 12 13.35 -15.76 -1.37
C CYS E 12 12.69 -16.62 -0.29
N TYR E 13 12.66 -17.93 -0.52
CA TYR E 13 12.15 -18.87 0.47
C TYR E 13 13.21 -19.31 1.47
N ASN E 14 14.49 -19.05 1.19
CA ASN E 14 15.58 -19.49 2.05
C ASN E 14 16.69 -18.46 2.05
N PHE E 15 17.32 -18.26 3.20
CA PHE E 15 18.44 -17.36 3.38
C PHE E 15 19.74 -18.14 3.28
N THR E 16 20.83 -17.41 3.09
CA THR E 16 22.16 -18.02 3.03
C THR E 16 22.55 -18.53 4.41
N ASN E 17 22.73 -19.84 4.53
CA ASN E 17 23.13 -20.44 5.81
C ASN E 17 24.42 -19.81 6.33
N ARG E 18 25.49 -19.86 5.54
CA ARG E 18 26.78 -19.34 5.98
C ARG E 18 26.88 -17.82 5.86
N LYS E 19 27.99 -17.34 5.30
CA LYS E 19 28.22 -15.92 5.10
C LYS E 19 29.27 -15.77 4.01
N ILE E 20 28.99 -14.91 3.03
CA ILE E 20 29.80 -14.78 1.82
C ILE E 20 30.68 -13.54 1.94
N SER E 21 31.90 -13.64 1.40
CA SER E 21 32.88 -12.55 1.45
C SER E 21 32.52 -11.47 0.44
N VAL E 22 32.54 -10.22 0.88
CA VAL E 22 32.26 -9.07 0.01
C VAL E 22 33.03 -9.14 -1.30
N GLN E 23 34.22 -9.76 -1.29
CA GLN E 23 35.02 -9.81 -2.51
C GLN E 23 34.41 -10.71 -3.59
N ARG E 24 33.34 -11.44 -3.29
CA ARG E 24 32.73 -12.36 -4.24
C ARG E 24 31.39 -11.86 -4.76
N LEU E 25 30.93 -10.70 -4.30
CA LEU E 25 29.63 -10.15 -4.68
C LEU E 25 29.80 -8.98 -5.64
N ALA E 26 28.93 -8.91 -6.65
CA ALA E 26 29.00 -7.83 -7.63
C ALA E 26 27.98 -6.72 -7.40
N SER E 27 26.81 -7.03 -6.87
CA SER E 27 25.75 -6.04 -6.62
C SER E 27 24.65 -6.71 -5.83
N TYR E 28 23.64 -5.93 -5.43
CA TYR E 28 22.47 -6.47 -4.75
C TYR E 28 21.21 -5.73 -5.19
N ARG E 30 20.08 -6.40 -4.98
CA ARG E 30 18.75 -5.87 -5.27
C ARG E 30 17.82 -6.11 -4.10
N ILE E 31 16.69 -5.37 -4.10
CA ILE E 31 15.63 -5.48 -3.10
C ILE E 31 14.46 -6.26 -3.69
N THR E 32 13.75 -6.99 -2.82
CA THR E 32 12.60 -7.79 -3.22
C THR E 32 11.28 -7.05 -3.00
N SER E 33 10.19 -7.69 -3.41
CA SER E 33 8.87 -7.07 -3.47
C SER E 33 8.21 -6.97 -2.10
N SER E 34 7.28 -6.03 -1.98
CA SER E 34 6.49 -5.87 -0.75
C SER E 34 5.71 -7.14 -0.40
N LYS E 35 5.04 -7.73 -1.40
CA LYS E 35 4.20 -8.89 -1.14
C LYS E 35 4.99 -10.21 -1.15
N CYS E 36 6.23 -10.18 -0.68
CA CYS E 36 6.97 -11.43 -0.58
C CYS E 36 6.85 -12.01 0.82
N PRO E 37 6.73 -13.34 0.92
CA PRO E 37 6.57 -13.95 2.25
C PRO E 37 7.70 -13.64 3.19
N LYS E 38 8.93 -13.61 2.68
CA LYS E 38 10.11 -13.28 3.48
C LYS E 38 10.85 -12.14 2.79
N GLU E 39 11.22 -11.13 3.57
CA GLU E 39 11.90 -9.97 3.03
C GLU E 39 13.40 -10.18 3.14
N ALA E 40 14.12 -9.79 2.09
CA ALA E 40 15.53 -10.14 1.99
C ALA E 40 16.19 -9.29 0.93
N VAL E 41 17.50 -9.44 0.81
CA VAL E 41 18.29 -8.82 -0.26
C VAL E 41 18.82 -9.94 -1.15
N ILE E 42 19.01 -9.62 -2.43
CA ILE E 42 19.45 -10.59 -3.41
C ILE E 42 20.80 -10.13 -3.95
N PHE E 43 21.85 -10.86 -3.60
CA PHE E 43 23.19 -10.54 -4.07
C PHE E 43 23.50 -11.32 -5.34
N LYS E 44 24.14 -10.65 -6.30
CA LYS E 44 24.66 -11.29 -7.50
C LYS E 44 26.16 -11.51 -7.35
N THR E 45 26.59 -12.76 -7.52
CA THR E 45 27.99 -13.11 -7.37
C THR E 45 28.72 -12.96 -8.71
N ILE E 46 30.05 -12.92 -8.62
CA ILE E 46 30.89 -12.76 -9.81
C ILE E 46 30.62 -13.86 -10.83
N VAL E 47 30.15 -15.03 -10.38
CA VAL E 47 29.90 -16.15 -11.28
C VAL E 47 28.46 -16.09 -11.79
N ALA E 48 27.80 -14.95 -11.53
CA ALA E 48 26.46 -14.64 -12.04
C ALA E 48 25.37 -15.43 -11.35
N LYS E 49 25.62 -15.87 -10.12
CA LYS E 49 24.62 -16.57 -9.32
C LYS E 49 23.97 -15.61 -8.34
N GLU E 50 22.72 -15.90 -7.99
CA GLU E 50 21.94 -15.08 -7.08
C GLU E 50 21.78 -15.78 -5.74
N ILE E 51 22.17 -15.10 -4.67
CA ILE E 51 22.05 -15.63 -3.32
C ILE E 51 21.13 -14.70 -2.54
N CYS E 52 20.37 -15.30 -1.61
CA CYS E 52 19.47 -14.55 -0.75
C CYS E 52 20.10 -14.34 0.61
N ALA E 53 19.95 -13.13 1.16
CA ALA E 53 20.54 -12.82 2.45
C ALA E 53 19.54 -12.01 3.27
N ASP E 54 19.57 -12.24 4.58
CA ASP E 54 18.66 -11.56 5.50
C ASP E 54 19.23 -10.20 5.87
N PRO E 55 18.52 -9.10 5.62
CA PRO E 55 19.05 -7.78 5.96
C PRO E 55 19.25 -7.56 7.45
N LYS E 56 18.71 -8.45 8.30
CA LYS E 56 18.89 -8.30 9.74
C LYS E 56 20.33 -8.59 10.15
N GLN E 57 20.97 -9.58 9.51
CA GLN E 57 22.34 -9.92 9.85
C GLN E 57 23.25 -8.72 9.61
N LYS E 58 24.20 -8.52 10.53
CA LYS E 58 25.04 -7.33 10.48
C LYS E 58 26.00 -7.36 9.30
N TRP E 59 26.59 -8.53 9.02
CA TRP E 59 27.52 -8.63 7.90
C TRP E 59 26.84 -8.34 6.57
N VAL E 60 25.53 -8.58 6.47
CA VAL E 60 24.82 -8.31 5.23
C VAL E 60 24.71 -6.81 4.98
N GLN E 61 24.35 -6.04 6.02
CA GLN E 61 24.27 -4.60 5.87
C GLN E 61 25.63 -4.00 5.56
N ASP E 62 26.68 -4.50 6.23
CA ASP E 62 28.02 -4.00 5.96
C ASP E 62 28.47 -4.33 4.54
N SER E 63 28.15 -5.53 4.06
CA SER E 63 28.50 -5.90 2.70
C SER E 63 27.76 -5.04 1.68
N MET E 64 26.46 -4.81 1.90
CA MET E 64 25.71 -3.95 0.99
C MET E 64 26.23 -2.53 1.00
N ASP E 65 26.65 -2.04 2.17
CA ASP E 65 27.24 -0.70 2.24
C ASP E 65 28.56 -0.64 1.49
N HIS E 66 29.43 -1.63 1.71
CA HIS E 66 30.73 -1.66 1.04
C HIS E 66 30.59 -1.87 -0.46
N LEU E 67 29.47 -2.45 -0.91
CA LEU E 67 29.24 -2.61 -2.35
C LEU E 67 28.59 -1.39 -2.97
N ASP E 68 27.82 -0.61 -2.20
CA ASP E 68 27.25 0.63 -2.71
C ASP E 68 28.33 1.69 -2.93
N LYS E 69 29.19 1.89 -1.93
CA LYS E 69 30.25 2.89 -2.03
C LYS E 69 31.36 2.49 -2.99
N GLN E 70 31.03 2.37 -4.28
CA GLN E 70 32.01 2.00 -5.28
C GLN E 70 31.56 2.44 -6.67
N ALA F 8 9.76 9.20 -8.68
CA ALA F 8 11.10 8.65 -8.84
C ALA F 8 12.07 9.73 -9.30
N VAL F 9 12.18 9.90 -10.61
CA VAL F 9 12.99 10.95 -11.22
C VAL F 9 12.10 11.64 -12.25
N THR F 10 10.81 11.71 -11.96
CA THR F 10 9.81 12.17 -12.92
C THR F 10 9.35 13.58 -12.57
N CYS F 11 9.63 14.50 -13.47
CA CYS F 11 9.24 15.90 -13.37
C CYS F 11 8.37 16.26 -14.56
N CYS F 12 7.80 17.46 -14.49
CA CYS F 12 6.88 17.96 -15.50
C CYS F 12 7.55 19.06 -16.30
N TYR F 13 7.71 18.82 -17.60
CA TYR F 13 8.26 19.83 -18.50
C TYR F 13 7.20 20.80 -19.00
N ASN F 14 5.92 20.47 -18.87
CA ASN F 14 4.85 21.34 -19.35
C ASN F 14 3.66 21.22 -18.41
N PHE F 15 3.03 22.35 -18.16
CA PHE F 15 1.84 22.42 -17.33
C PHE F 15 0.61 22.42 -18.22
N THR F 16 -0.53 22.11 -17.62
CA THR F 16 -1.78 22.20 -18.37
C THR F 16 -2.13 23.67 -18.60
N ASN F 17 -2.89 23.91 -19.68
CA ASN F 17 -3.36 25.27 -19.97
C ASN F 17 -4.70 25.54 -19.31
N ARG F 18 -5.70 24.72 -19.60
CA ARG F 18 -7.02 24.89 -19.05
C ARG F 18 -7.09 24.30 -17.64
N LYS F 19 -8.22 24.53 -16.97
CA LYS F 19 -8.48 23.99 -15.64
C LYS F 19 -9.32 22.73 -15.77
N ILE F 20 -8.77 21.60 -15.32
CA ILE F 20 -9.46 20.32 -15.50
C ILE F 20 -10.69 20.27 -14.60
N SER F 21 -11.68 19.50 -15.04
CA SER F 21 -12.93 19.37 -14.30
C SER F 21 -12.72 18.44 -13.10
N VAL F 22 -13.17 18.89 -11.93
CA VAL F 22 -13.07 18.09 -10.71
C VAL F 22 -13.59 16.68 -10.93
N GLN F 23 -14.58 16.52 -11.81
CA GLN F 23 -15.16 15.20 -12.08
C GLN F 23 -14.22 14.30 -12.89
N ARG F 24 -13.09 14.82 -13.39
CA ARG F 24 -12.20 14.05 -14.24
C ARG F 24 -10.93 13.61 -13.53
N LEU F 25 -10.75 13.96 -12.26
CA LEU F 25 -9.54 13.63 -11.52
C LEU F 25 -9.84 12.49 -10.56
N ALA F 26 -8.94 11.52 -10.50
CA ALA F 26 -9.08 10.41 -9.57
C ALA F 26 -8.20 10.53 -8.35
N SER F 27 -7.03 11.15 -8.48
CA SER F 27 -6.09 11.26 -7.37
C SER F 27 -4.97 12.21 -7.77
N TYR F 28 -4.02 12.39 -6.85
CA TYR F 28 -2.80 13.13 -7.12
C TYR F 28 -1.66 12.35 -6.48
N ARG F 29 -0.43 12.66 -6.88
CA ARG F 29 0.72 11.94 -6.38
C ARG F 29 1.74 12.89 -5.77
N ARG F 30 2.44 12.38 -4.76
CA ARG F 30 3.51 13.12 -4.11
C ARG F 30 4.71 13.23 -5.06
N ILE F 31 5.72 13.99 -4.64
CA ILE F 31 6.92 14.14 -5.45
C ILE F 31 8.03 14.68 -4.57
N THR F 32 9.25 14.23 -4.84
CA THR F 32 10.48 14.75 -4.22
C THR F 32 11.16 15.74 -5.16
N SER F 33 10.37 16.68 -5.68
CA SER F 33 10.81 17.52 -6.80
C SER F 33 11.80 18.59 -6.40
N SER F 34 12.70 18.28 -5.45
CA SER F 34 13.76 19.23 -5.12
C SER F 34 14.60 19.53 -6.35
N LYS F 35 15.06 18.48 -7.05
CA LYS F 35 15.85 18.65 -8.26
C LYS F 35 14.99 18.71 -9.52
N CYS F 36 13.75 19.18 -9.42
CA CYS F 36 13.05 19.31 -10.69
C CYS F 36 13.12 20.74 -11.19
N PRO F 37 13.30 20.93 -12.50
CA PRO F 37 13.37 22.30 -13.03
C PRO F 37 12.10 23.10 -12.76
N LYS F 38 10.94 22.47 -12.88
CA LYS F 38 9.65 23.10 -12.63
C LYS F 38 8.90 22.28 -11.59
N GLU F 39 8.34 22.97 -10.60
CA GLU F 39 7.60 22.30 -9.53
C GLU F 39 6.12 22.27 -9.89
N ALA F 40 5.47 21.15 -9.59
CA ALA F 40 4.13 20.90 -10.07
C ALA F 40 3.48 19.81 -9.24
N VAL F 41 2.21 19.58 -9.51
CA VAL F 41 1.46 18.46 -8.97
C VAL F 41 1.08 17.56 -10.12
N ILE F 42 0.93 16.27 -9.83
CA ILE F 42 0.66 15.25 -10.84
C ILE F 42 -0.69 14.63 -10.50
N PHE F 43 -1.68 14.91 -11.34
CA PHE F 43 -3.02 14.36 -11.18
C PHE F 43 -3.16 13.08 -11.98
N LYS F 44 -3.77 12.07 -11.36
CA LYS F 44 -4.22 10.87 -12.05
C LYS F 44 -5.70 11.01 -12.33
N THR F 45 -6.08 10.91 -13.60
CA THR F 45 -7.45 11.11 -14.04
C THR F 45 -8.22 9.78 -14.02
N ILE F 46 -9.56 9.90 -14.07
CA ILE F 46 -10.42 8.73 -14.05
C ILE F 46 -10.10 7.81 -15.23
N VAL F 47 -9.56 8.35 -16.31
CA VAL F 47 -9.24 7.57 -17.51
C VAL F 47 -7.80 7.06 -17.41
N ALA F 48 -7.19 7.22 -16.23
CA ALA F 48 -5.87 6.67 -15.92
C ALA F 48 -4.75 7.45 -16.60
N LYS F 49 -4.99 8.72 -16.90
CA LYS F 49 -3.96 9.59 -17.47
C LYS F 49 -3.35 10.46 -16.40
N GLU F 50 -2.10 10.86 -16.61
CA GLU F 50 -1.37 11.72 -15.69
C GLU F 50 -1.22 13.10 -16.31
N ILE F 51 -1.68 14.12 -15.58
CA ILE F 51 -1.60 15.51 -16.02
C ILE F 51 -0.77 16.30 -15.02
N CYS F 52 -0.08 17.32 -15.52
CA CYS F 52 0.72 18.21 -14.69
C CYS F 52 -0.02 19.52 -14.46
N ALA F 53 0.06 20.03 -13.22
CA ALA F 53 -0.62 21.27 -12.88
C ALA F 53 0.29 22.14 -12.02
N ASP F 54 0.15 23.46 -12.19
CA ASP F 54 0.98 24.41 -11.47
C ASP F 54 0.38 24.69 -10.09
N PRO F 55 1.10 24.43 -9.00
CA PRO F 55 0.53 24.64 -7.66
C PRO F 55 0.21 26.09 -7.33
N LYS F 56 0.71 27.06 -8.11
CA LYS F 56 0.40 28.45 -7.84
C LYS F 56 -1.06 28.77 -8.13
N GLN F 57 -1.61 28.22 -9.20
CA GLN F 57 -2.99 28.47 -9.57
C GLN F 57 -3.93 28.00 -8.47
N LYS F 58 -4.99 28.79 -8.24
CA LYS F 58 -5.89 28.51 -7.12
C LYS F 58 -6.74 27.26 -7.39
N TRP F 59 -7.16 27.08 -8.64
CA TRP F 59 -8.01 25.93 -8.96
C TRP F 59 -7.31 24.61 -8.67
N VAL F 60 -5.98 24.58 -8.71
CA VAL F 60 -5.26 23.35 -8.41
C VAL F 60 -5.39 23.00 -6.94
N GLN F 61 -5.22 24.00 -6.06
CA GLN F 61 -5.44 23.78 -4.63
C GLN F 61 -6.89 23.42 -4.36
N ASP F 62 -7.83 24.06 -5.05
CA ASP F 62 -9.25 23.75 -4.85
C ASP F 62 -9.56 22.31 -5.27
N SER F 63 -8.98 21.86 -6.39
CA SER F 63 -9.18 20.49 -6.84
C SER F 63 -8.57 19.51 -5.86
N MET F 64 -7.37 19.81 -5.35
CA MET F 64 -6.76 18.94 -4.35
C MET F 64 -7.59 18.89 -3.08
N ASP F 65 -8.21 20.00 -2.70
CA ASP F 65 -9.09 20.01 -1.53
C ASP F 65 -10.33 19.16 -1.76
N HIS F 66 -10.99 19.34 -2.91
CA HIS F 66 -12.19 18.57 -3.20
C HIS F 66 -11.90 17.08 -3.41
N LEU F 67 -10.68 16.73 -3.78
CA LEU F 67 -10.32 15.32 -3.94
C LEU F 67 -9.82 14.70 -2.66
N ASP F 68 -9.23 15.49 -1.77
CA ASP F 68 -8.80 14.97 -0.46
C ASP F 68 -10.01 14.65 0.41
N LYS F 69 -10.97 15.58 0.50
CA LYS F 69 -12.17 15.37 1.30
C LYS F 69 -13.07 14.35 0.64
N GLN F 70 -12.59 13.11 0.51
CA GLN F 70 -13.35 12.03 -0.09
C GLN F 70 -12.77 10.69 0.37
N THR F 71 -11.74 10.75 1.20
CA THR F 71 -11.08 9.56 1.73
C THR F 71 -11.78 9.13 3.01
N GLN F 72 -11.19 8.18 3.73
CA GLN F 72 -11.76 7.66 4.96
C GLN F 72 -11.77 8.71 6.07
#